data_8Y1U
#
_entry.id   8Y1U
#
_cell.length_a   48.145
_cell.length_b   43.724
_cell.length_c   159.233
_cell.angle_alpha   90.00
_cell.angle_beta   92.00
_cell.angle_gamma   90.00
#
_symmetry.space_group_name_H-M   'P 1 21 1'
#
loop_
_entity.id
_entity.type
_entity.pdbx_description
1 polymer 'Ankyrin repeat and SOCS box protein 7'
2 polymer 'Peptide from Leucine zipper putative tumor suppressor 1'
3 polymer Elongin-B
4 polymer Elongin-C
5 water water
#
loop_
_entity_poly.entity_id
_entity_poly.type
_entity_poly.pdbx_seq_one_letter_code
_entity_poly.pdbx_strand_id
1 'polypeptide(L)'
;GELQEELQIQAAVAAGDVHTVRKMLEQGYSPNGRDANGWTLLHFSAARGKERCVRVFLEHGADPTVKDLIGGFTALHYAA
MHGRARIARLMLESEYRSDIINAKSNDGWTPLHVAAHYGRDSFVRLLLEFKAEVDPLSDKGTTPLQLAIIRERSSCVKIL
LDHNANIDIQNGFLLRYAVIKSNHSYCRMFLQRGADTNLGRLEDGQTPLHLSALRDDVLCARMLYNYGADTNTRNYEGQT
PLAVSISISGSSRPCLDFLQEVTRQPRNLQDLCRIKIRQCIGLQNLKLLDELPIAKVMKDYLKHKFDDI
;
A
2 'polypeptide(L)' RQELESLMKEQDLLETKLRSYER B
3 'polypeptide(L)'
;MDVFLMIRRHKTTIFTDAKESSTVFELKRIVEGILKRPPDEQRLYKDDQLLDDGKTLGECGFTSQTARPQAPATVGLAFR
ADDTFEALCIEPFSSPPELPDVMK
;
C
4 'polypeptide(L)'
;MYVKLISSDGHEFIVKREHALTSGTIKAMLSGPGQFAENETNEVNFREIPSHVLSKVCMYFTYKVRYTNSSTEIPEFPIA
PEIALELLMAANFLDC
;
D
#
# COMPACT_ATOMS: atom_id res chain seq x y z
N LEU A 3 -44.20 -26.11 17.06
CA LEU A 3 -44.51 -25.39 15.83
C LEU A 3 -45.01 -24.00 16.16
N GLN A 4 -45.75 -23.92 17.27
CA GLN A 4 -46.20 -22.62 17.75
C GLN A 4 -45.05 -21.83 18.36
N GLU A 5 -44.23 -22.49 19.19
CA GLU A 5 -43.21 -21.79 19.96
C GLU A 5 -42.14 -21.19 19.06
N GLU A 6 -41.63 -21.95 18.09
CA GLU A 6 -40.65 -21.36 17.18
C GLU A 6 -41.25 -20.22 16.37
N LEU A 7 -42.50 -20.37 15.90
CA LEU A 7 -43.14 -19.24 15.23
C LEU A 7 -43.37 -18.08 16.18
N GLN A 8 -43.64 -18.34 17.45
CA GLN A 8 -43.93 -17.22 18.33
C GLN A 8 -42.65 -16.50 18.74
N ILE A 9 -41.59 -17.25 19.09
CA ILE A 9 -40.35 -16.58 19.47
C ILE A 9 -39.80 -15.79 18.29
N GLN A 10 -40.05 -16.26 17.08
CA GLN A 10 -39.56 -15.52 15.93
C GLN A 10 -40.22 -14.16 15.88
N ALA A 11 -41.54 -14.13 16.02
CA ALA A 11 -42.30 -12.89 15.90
C ALA A 11 -41.92 -11.90 16.99
N ALA A 12 -41.77 -12.39 18.23
CA ALA A 12 -41.24 -11.59 19.32
C ALA A 12 -39.94 -10.90 18.94
N VAL A 13 -39.06 -11.63 18.25
CA VAL A 13 -37.81 -11.01 17.83
C VAL A 13 -38.07 -9.97 16.74
N ALA A 14 -38.85 -10.35 15.73
CA ALA A 14 -39.06 -9.43 14.60
C ALA A 14 -39.78 -8.17 15.03
N ALA A 15 -40.68 -8.30 16.02
CA ALA A 15 -41.37 -7.16 16.61
C ALA A 15 -40.50 -6.41 17.60
N GLY A 16 -39.40 -7.01 18.04
CA GLY A 16 -38.60 -6.45 19.11
C GLY A 16 -39.15 -6.71 20.49
N ASP A 17 -40.11 -7.64 20.63
CA ASP A 17 -40.65 -8.04 21.92
C ASP A 17 -39.62 -8.87 22.67
N VAL A 18 -38.71 -8.19 23.36
CA VAL A 18 -37.64 -8.94 24.03
C VAL A 18 -38.11 -9.58 25.33
N HIS A 19 -39.16 -9.05 25.94
CA HIS A 19 -39.64 -9.60 27.21
C HIS A 19 -40.12 -11.03 27.03
N THR A 20 -40.74 -11.31 25.90
CA THR A 20 -41.20 -12.67 25.62
C THR A 20 -40.01 -13.61 25.41
N VAL A 21 -39.06 -13.18 24.58
CA VAL A 21 -37.87 -13.98 24.28
C VAL A 21 -37.18 -14.45 25.55
N ARG A 22 -37.12 -13.59 26.58
CA ARG A 22 -36.47 -14.00 27.82
C ARG A 22 -37.34 -14.99 28.57
N LYS A 23 -38.67 -14.87 28.43
CA LYS A 23 -39.60 -15.78 29.09
C LYS A 23 -39.40 -17.21 28.58
N MET A 24 -39.39 -17.37 27.26
CA MET A 24 -39.27 -18.69 26.66
C MET A 24 -37.91 -19.31 26.93
N LEU A 25 -36.85 -18.51 27.02
CA LEU A 25 -35.55 -19.07 27.28
C LEU A 25 -35.45 -19.62 28.70
N GLU A 26 -36.05 -18.93 29.67
CA GLU A 26 -36.07 -19.42 31.04
C GLU A 26 -36.81 -20.76 31.15
N GLN A 27 -37.78 -21.01 30.29
CA GLN A 27 -38.55 -22.23 30.38
C GLN A 27 -37.99 -23.39 29.54
N GLY A 28 -36.76 -23.26 29.04
CA GLY A 28 -36.05 -24.36 28.42
C GLY A 28 -35.93 -24.31 26.91
N TYR A 29 -36.60 -23.37 26.25
CA TYR A 29 -36.50 -23.22 24.81
C TYR A 29 -35.05 -22.91 24.43
N SER A 30 -34.48 -23.74 23.54
CA SER A 30 -33.05 -23.55 23.25
C SER A 30 -32.85 -22.46 22.18
N PRO A 31 -31.85 -21.64 22.31
CA PRO A 31 -31.65 -20.59 21.32
C PRO A 31 -30.84 -21.03 20.11
N ASN A 32 -30.74 -22.35 19.85
CA ASN A 32 -29.73 -22.86 18.90
C ASN A 32 -30.30 -23.68 17.75
N GLY A 33 -31.59 -23.60 17.43
CA GLY A 33 -32.07 -24.22 16.20
C GLY A 33 -31.71 -23.38 14.97
N ARG A 34 -32.02 -23.94 13.78
CA ARG A 34 -31.67 -23.30 12.51
C ARG A 34 -32.82 -23.42 11.53
N ASP A 35 -33.06 -22.38 10.74
CA ASP A 35 -34.01 -22.51 9.64
C ASP A 35 -33.35 -23.21 8.44
N ALA A 36 -34.01 -23.18 7.29
CA ALA A 36 -33.55 -23.95 6.13
C ALA A 36 -32.34 -23.32 5.49
N ASN A 37 -32.05 -22.07 5.83
CA ASN A 37 -30.85 -21.40 5.37
C ASN A 37 -29.70 -21.53 6.36
N GLY A 38 -29.86 -22.34 7.40
CA GLY A 38 -28.92 -22.40 8.51
C GLY A 38 -28.94 -21.21 9.45
N TRP A 39 -29.83 -20.23 9.24
CA TRP A 39 -29.88 -19.07 10.11
C TRP A 39 -30.38 -19.46 11.49
N THR A 40 -29.68 -18.99 12.53
CA THR A 40 -30.11 -19.07 13.92
C THR A 40 -30.85 -17.78 14.32
N LEU A 41 -31.39 -17.77 15.54
CA LEU A 41 -31.99 -16.55 16.08
C LEU A 41 -30.94 -15.45 16.23
N LEU A 42 -29.66 -15.78 16.40
CA LEU A 42 -28.67 -14.72 16.41
C LEU A 42 -28.45 -14.15 15.00
N HIS A 43 -28.61 -14.98 13.96
CA HIS A 43 -28.56 -14.44 12.60
C HIS A 43 -29.74 -13.51 12.36
N PHE A 44 -30.93 -13.98 12.69
CA PHE A 44 -32.12 -13.17 12.49
C PHE A 44 -32.03 -11.88 13.31
N SER A 45 -31.60 -11.99 14.56
CA SER A 45 -31.60 -10.84 15.46
C SER A 45 -30.63 -9.79 14.99
N ALA A 46 -29.46 -10.24 14.51
CA ALA A 46 -28.44 -9.33 14.00
C ALA A 46 -28.86 -8.68 12.68
N ALA A 47 -29.40 -9.47 11.76
CA ALA A 47 -29.80 -8.89 10.47
C ALA A 47 -30.89 -7.83 10.66
N ARG A 48 -31.86 -8.08 11.56
CA ARG A 48 -32.95 -7.13 11.80
C ARG A 48 -32.62 -6.05 12.82
N GLY A 49 -31.38 -5.98 13.32
CA GLY A 49 -31.05 -4.92 14.25
C GLY A 49 -31.65 -5.02 15.67
N LYS A 50 -32.06 -6.21 16.12
CA LYS A 50 -32.70 -6.33 17.44
C LYS A 50 -31.64 -6.57 18.53
N GLU A 51 -31.07 -5.49 19.05
CA GLU A 51 -29.94 -5.62 19.97
C GLU A 51 -30.35 -6.29 21.28
N ARG A 52 -31.48 -5.93 21.87
CA ARG A 52 -31.83 -6.50 23.17
C ARG A 52 -32.06 -7.99 23.05
N CYS A 53 -32.70 -8.42 21.97
CA CYS A 53 -32.84 -9.85 21.74
C CYS A 53 -31.47 -10.52 21.67
N VAL A 54 -30.50 -9.87 21.01
CA VAL A 54 -29.17 -10.46 20.85
C VAL A 54 -28.55 -10.75 22.20
N ARG A 55 -28.57 -9.78 23.10
CA ARG A 55 -27.92 -9.97 24.40
C ARG A 55 -28.50 -11.16 25.16
N VAL A 56 -29.80 -11.37 25.10
CA VAL A 56 -30.34 -12.38 26.01
C VAL A 56 -30.14 -13.76 25.40
N PHE A 57 -30.16 -13.83 24.09
CA PHE A 57 -29.84 -15.08 23.39
C PHE A 57 -28.45 -15.60 23.76
N LEU A 58 -27.45 -14.74 23.68
CA LEU A 58 -26.12 -15.08 24.22
C LEU A 58 -26.21 -15.61 25.67
N GLU A 59 -26.90 -14.86 26.57
CA GLU A 59 -26.89 -15.27 27.98
C GLU A 59 -27.38 -16.69 28.20
N HIS A 60 -28.18 -17.24 27.27
CA HIS A 60 -28.73 -18.58 27.39
C HIS A 60 -28.07 -19.61 26.46
N GLY A 61 -26.85 -19.33 25.99
CA GLY A 61 -26.06 -20.36 25.33
C GLY A 61 -26.09 -20.36 23.83
N ALA A 62 -26.69 -19.35 23.21
CA ALA A 62 -26.79 -19.27 21.77
C ALA A 62 -25.40 -19.15 21.21
N ASP A 63 -25.05 -20.08 20.32
CA ASP A 63 -23.72 -20.16 19.73
C ASP A 63 -23.65 -19.17 18.57
N PRO A 64 -22.84 -18.12 18.68
CA PRO A 64 -22.65 -17.21 17.53
C PRO A 64 -21.67 -17.71 16.47
N THR A 65 -21.04 -18.86 16.62
CA THR A 65 -20.12 -19.30 15.59
C THR A 65 -20.81 -19.93 14.41
N VAL A 66 -22.13 -20.11 14.44
CA VAL A 66 -22.76 -20.93 13.40
C VAL A 66 -22.71 -20.24 12.04
N LYS A 67 -22.32 -20.99 11.02
CA LYS A 67 -22.22 -20.54 9.64
C LYS A 67 -23.49 -20.95 8.92
N ASP A 68 -24.07 -20.03 8.14
CA ASP A 68 -25.30 -20.38 7.44
C ASP A 68 -24.99 -21.24 6.23
N LEU A 69 -26.04 -21.85 5.66
CA LEU A 69 -25.92 -22.73 4.51
C LEU A 69 -25.93 -21.99 3.17
N ILE A 70 -25.73 -20.68 3.18
CA ILE A 70 -25.86 -19.96 1.92
C ILE A 70 -24.67 -19.01 1.77
N GLY A 71 -23.49 -19.47 2.15
CA GLY A 71 -22.35 -18.59 2.19
C GLY A 71 -21.38 -18.90 3.30
N GLY A 72 -21.81 -19.68 4.29
CA GLY A 72 -21.02 -19.87 5.50
C GLY A 72 -20.83 -18.60 6.28
N PHE A 73 -21.80 -17.69 6.21
CA PHE A 73 -21.81 -16.45 6.98
C PHE A 73 -22.28 -16.66 8.42
N THR A 74 -21.60 -16.03 9.37
CA THR A 74 -22.02 -15.93 10.76
C THR A 74 -22.89 -14.70 11.01
N ALA A 75 -23.59 -14.72 12.15
CA ALA A 75 -24.35 -13.54 12.60
C ALA A 75 -23.47 -12.31 12.60
N LEU A 76 -22.16 -12.46 12.91
CA LEU A 76 -21.30 -11.27 12.91
C LEU A 76 -21.06 -10.75 11.49
N HIS A 77 -21.08 -11.61 10.46
CA HIS A 77 -21.04 -11.11 9.07
C HIS A 77 -22.23 -10.21 8.79
N TYR A 78 -23.45 -10.67 9.11
CA TYR A 78 -24.62 -9.87 8.82
C TYR A 78 -24.67 -8.61 9.67
N ALA A 79 -24.09 -8.63 10.87
CA ALA A 79 -23.93 -7.37 11.59
C ALA A 79 -22.96 -6.44 10.86
N ALA A 80 -21.83 -7.00 10.39
CA ALA A 80 -20.86 -6.22 9.64
C ALA A 80 -21.49 -5.56 8.43
N MET A 81 -22.43 -6.26 7.77
CA MET A 81 -23.08 -5.75 6.57
C MET A 81 -23.91 -4.51 6.87
N HIS A 82 -24.71 -4.55 7.94
CA HIS A 82 -25.61 -3.44 8.22
C HIS A 82 -25.06 -2.46 9.23
N GLY A 83 -23.76 -2.51 9.52
CA GLY A 83 -23.20 -1.50 10.42
C GLY A 83 -23.78 -1.55 11.82
N ARG A 84 -24.19 -2.74 12.26
CA ARG A 84 -24.77 -2.96 13.60
C ARG A 84 -23.64 -3.18 14.60
N ALA A 85 -22.93 -2.11 14.93
CA ALA A 85 -21.76 -2.19 15.80
C ALA A 85 -22.13 -2.68 17.20
N ARG A 86 -23.21 -2.13 17.78
CA ARG A 86 -23.62 -2.51 19.13
C ARG A 86 -23.96 -3.99 19.21
N ILE A 87 -24.68 -4.50 18.22
CA ILE A 87 -24.92 -5.95 18.26
C ILE A 87 -23.59 -6.69 18.19
N ALA A 88 -22.68 -6.20 17.33
CA ALA A 88 -21.39 -6.86 17.19
C ALA A 88 -20.57 -6.78 18.47
N ARG A 89 -20.64 -5.64 19.17
CA ARG A 89 -19.85 -5.46 20.39
C ARG A 89 -20.28 -6.43 21.47
N LEU A 90 -21.56 -6.82 21.46
CA LEU A 90 -22.05 -7.82 22.39
C LEU A 90 -21.42 -9.17 22.11
N MET A 91 -21.47 -9.58 20.85
CA MET A 91 -20.90 -10.85 20.43
C MET A 91 -19.39 -10.87 20.64
N LEU A 92 -18.73 -9.73 20.43
CA LEU A 92 -17.29 -9.75 20.64
C LEU A 92 -16.92 -9.73 22.11
N GLU A 93 -17.81 -9.27 23.00
CA GLU A 93 -17.58 -9.38 24.44
C GLU A 93 -17.92 -10.75 25.01
N SER A 94 -18.51 -11.64 24.22
CA SER A 94 -18.86 -12.97 24.64
C SER A 94 -17.62 -13.88 24.70
N GLU A 95 -17.81 -15.10 25.22
CA GLU A 95 -16.75 -16.11 25.31
C GLU A 95 -16.33 -16.64 23.94
N TYR A 96 -16.90 -16.14 22.85
CA TYR A 96 -16.63 -16.68 21.54
C TYR A 96 -15.83 -15.69 20.69
N ARG A 97 -15.37 -14.58 21.28
CA ARG A 97 -14.66 -13.52 20.58
C ARG A 97 -13.60 -14.05 19.63
N SER A 98 -12.75 -14.95 20.10
CA SER A 98 -11.65 -15.36 19.25
C SER A 98 -12.09 -16.37 18.20
N ASP A 99 -13.26 -16.98 18.35
CA ASP A 99 -13.76 -17.88 17.31
C ASP A 99 -14.56 -17.18 16.24
N ILE A 100 -15.07 -15.97 16.52
CA ILE A 100 -15.89 -15.24 15.56
C ILE A 100 -15.14 -14.06 14.93
N ILE A 101 -14.09 -13.53 15.56
CA ILE A 101 -13.57 -12.24 15.16
C ILE A 101 -13.01 -12.28 13.74
N ASN A 102 -12.34 -13.39 13.38
CA ASN A 102 -11.75 -13.56 12.05
C ASN A 102 -12.42 -14.69 11.26
N ALA A 103 -13.60 -15.13 11.67
CA ALA A 103 -14.19 -16.28 10.97
C ALA A 103 -14.38 -15.96 9.48
N LYS A 104 -14.10 -16.96 8.65
CA LYS A 104 -14.18 -16.74 7.20
C LYS A 104 -15.42 -17.42 6.64
N SER A 105 -16.11 -16.73 5.74
CA SER A 105 -17.19 -17.33 4.98
C SER A 105 -16.64 -18.38 4.02
N ASN A 106 -17.53 -19.04 3.29
CA ASN A 106 -17.10 -20.05 2.33
C ASN A 106 -16.07 -19.50 1.34
N ASP A 107 -16.18 -18.22 0.96
CA ASP A 107 -15.31 -17.67 -0.07
C ASP A 107 -14.17 -16.87 0.54
N GLY A 108 -14.05 -16.89 1.86
CA GLY A 108 -12.90 -16.36 2.55
C GLY A 108 -13.08 -14.98 3.11
N TRP A 109 -14.29 -14.43 3.08
CA TRP A 109 -14.52 -13.09 3.61
C TRP A 109 -14.74 -13.14 5.11
N THR A 110 -13.91 -12.39 5.82
CA THR A 110 -14.04 -12.19 7.25
C THR A 110 -15.02 -11.07 7.52
N PRO A 111 -15.46 -10.89 8.78
CA PRO A 111 -16.19 -9.65 9.13
C PRO A 111 -15.49 -8.37 8.71
N LEU A 112 -14.16 -8.29 8.89
CA LEU A 112 -13.44 -7.09 8.47
C LEU A 112 -13.56 -6.87 6.96
N HIS A 113 -13.53 -7.96 6.17
CA HIS A 113 -13.77 -7.84 4.73
C HIS A 113 -15.13 -7.20 4.47
N VAL A 114 -16.16 -7.66 5.18
CA VAL A 114 -17.50 -7.14 4.96
C VAL A 114 -17.60 -5.69 5.41
N ALA A 115 -17.03 -5.37 6.56
CA ALA A 115 -17.18 -4.00 7.04
C ALA A 115 -16.45 -3.01 6.13
N ALA A 116 -15.22 -3.35 5.70
CA ALA A 116 -14.48 -2.47 4.79
C ALA A 116 -15.21 -2.29 3.47
N HIS A 117 -15.78 -3.37 2.94
CA HIS A 117 -16.47 -3.28 1.67
C HIS A 117 -17.64 -2.30 1.73
N TYR A 118 -18.35 -2.28 2.85
CA TYR A 118 -19.54 -1.42 2.93
C TYR A 118 -19.23 -0.04 3.48
N GLY A 119 -17.97 0.24 3.78
CA GLY A 119 -17.62 1.54 4.34
C GLY A 119 -18.17 1.80 5.74
N ARG A 120 -18.35 0.75 6.55
CA ARG A 120 -18.79 0.88 7.94
C ARG A 120 -17.63 1.28 8.84
N ASP A 121 -17.33 2.58 8.90
CA ASP A 121 -16.24 3.09 9.74
C ASP A 121 -16.29 2.52 11.16
N SER A 122 -17.39 2.77 11.88
CA SER A 122 -17.46 2.36 13.28
C SER A 122 -17.18 0.89 13.43
N PHE A 123 -17.81 0.08 12.58
CA PHE A 123 -17.61 -1.36 12.62
C PHE A 123 -16.16 -1.74 12.31
N VAL A 124 -15.47 -0.95 11.49
CA VAL A 124 -14.07 -1.22 11.22
C VAL A 124 -13.24 -0.93 12.47
N ARG A 125 -13.48 0.22 13.09
CA ARG A 125 -12.79 0.52 14.35
C ARG A 125 -13.11 -0.52 15.41
N LEU A 126 -14.39 -0.95 15.48
CA LEU A 126 -14.79 -2.03 16.38
C LEU A 126 -13.88 -3.24 16.23
N LEU A 127 -13.81 -3.77 15.02
CA LEU A 127 -13.03 -4.99 14.79
C LEU A 127 -11.56 -4.78 15.13
N LEU A 128 -11.02 -3.62 14.79
CA LEU A 128 -9.63 -3.36 15.14
C LEU A 128 -9.49 -3.14 16.64
N GLU A 129 -10.53 -2.59 17.28
CA GLU A 129 -10.54 -2.44 18.74
C GLU A 129 -10.42 -3.79 19.43
N PHE A 130 -11.14 -4.80 18.95
CA PHE A 130 -11.00 -6.17 19.44
C PHE A 130 -9.88 -6.97 18.72
N LYS A 131 -8.98 -6.27 18.02
CA LYS A 131 -7.71 -6.83 17.54
C LYS A 131 -7.88 -7.88 16.44
N ALA A 132 -8.90 -7.69 15.59
CA ALA A 132 -8.99 -8.45 14.35
C ALA A 132 -7.71 -8.33 13.54
N GLU A 133 -7.37 -9.40 12.82
CA GLU A 133 -6.29 -9.32 11.84
C GLU A 133 -6.65 -8.27 10.79
N VAL A 134 -5.68 -7.41 10.46
CA VAL A 134 -5.95 -6.32 9.54
C VAL A 134 -5.91 -6.77 8.09
N ASP A 135 -5.12 -7.78 7.75
CA ASP A 135 -5.09 -8.15 6.32
C ASP A 135 -5.39 -9.62 6.09
N PRO A 136 -6.49 -10.18 6.62
CA PRO A 136 -6.82 -11.56 6.26
C PRO A 136 -6.98 -11.64 4.75
N LEU A 137 -6.72 -12.82 4.20
CA LEU A 137 -6.77 -13.02 2.76
C LEU A 137 -8.04 -13.76 2.38
N SER A 138 -8.74 -13.25 1.37
CA SER A 138 -9.90 -13.96 0.83
C SER A 138 -9.42 -15.15 0.01
N ASP A 139 -10.36 -15.92 -0.52
CA ASP A 139 -9.96 -17.06 -1.34
C ASP A 139 -9.31 -16.63 -2.66
N LYS A 140 -9.49 -15.37 -3.08
CA LYS A 140 -8.80 -14.85 -4.24
C LYS A 140 -7.53 -14.10 -3.88
N GLY A 141 -7.14 -14.12 -2.61
CA GLY A 141 -5.99 -13.35 -2.18
C GLY A 141 -6.29 -11.94 -1.73
N THR A 142 -7.57 -11.54 -1.69
CA THR A 142 -7.93 -10.15 -1.45
C THR A 142 -8.01 -9.84 0.04
N THR A 143 -7.43 -8.69 0.43
CA THR A 143 -7.53 -8.18 1.79
C THR A 143 -8.66 -7.19 1.90
N PRO A 144 -9.03 -6.83 3.14
CA PRO A 144 -10.12 -5.86 3.32
C PRO A 144 -9.86 -4.48 2.70
N LEU A 145 -8.69 -3.91 2.93
CA LEU A 145 -8.31 -2.66 2.30
C LEU A 145 -8.64 -2.64 0.81
N GLN A 146 -8.35 -3.75 0.10
CA GLN A 146 -8.60 -3.77 -1.34
C GLN A 146 -10.08 -3.69 -1.63
N LEU A 147 -10.91 -4.37 -0.82
CA LEU A 147 -12.37 -4.19 -0.95
C LEU A 147 -12.72 -2.73 -0.71
N ALA A 148 -12.18 -2.15 0.37
CA ALA A 148 -12.41 -0.73 0.62
C ALA A 148 -11.97 0.10 -0.58
N ILE A 149 -10.79 -0.20 -1.13
CA ILE A 149 -10.22 0.57 -2.23
C ILE A 149 -11.16 0.62 -3.43
N ILE A 150 -11.74 -0.52 -3.80
CA ILE A 150 -12.43 -0.60 -5.09
C ILE A 150 -13.87 -0.14 -5.02
N ARG A 151 -14.45 -0.06 -3.82
CA ARG A 151 -15.70 0.68 -3.62
C ARG A 151 -15.43 2.12 -3.21
N GLU A 152 -14.15 2.49 -3.13
CA GLU A 152 -13.72 3.85 -2.84
C GLU A 152 -14.26 4.32 -1.50
N ARG A 153 -14.09 3.47 -0.47
CA ARG A 153 -14.51 3.80 0.89
C ARG A 153 -13.32 4.49 1.56
N SER A 154 -13.14 5.76 1.22
CA SER A 154 -11.92 6.46 1.55
C SER A 154 -11.65 6.45 3.05
N SER A 155 -12.67 6.72 3.85
CA SER A 155 -12.50 6.76 5.31
C SER A 155 -12.02 5.42 5.87
N CYS A 156 -12.68 4.32 5.47
CA CYS A 156 -12.14 3.00 5.82
C CYS A 156 -10.74 2.74 5.26
N VAL A 157 -10.42 3.28 4.08
CA VAL A 157 -9.04 3.21 3.60
C VAL A 157 -8.11 3.88 4.60
N LYS A 158 -8.46 5.11 5.02
CA LYS A 158 -7.62 5.84 5.97
C LYS A 158 -7.52 5.11 7.31
N ILE A 159 -8.59 4.43 7.73
CA ILE A 159 -8.52 3.74 9.01
C ILE A 159 -7.63 2.51 8.90
N LEU A 160 -7.83 1.71 7.86
CA LEU A 160 -7.03 0.48 7.72
C LEU A 160 -5.55 0.81 7.53
N LEU A 161 -5.23 1.80 6.69
CA LEU A 161 -3.82 2.15 6.58
C LEU A 161 -3.27 2.61 7.91
N ASP A 162 -4.11 3.25 8.72
CA ASP A 162 -3.65 3.74 10.01
C ASP A 162 -3.40 2.59 10.99
N HIS A 163 -4.09 1.47 10.81
CA HIS A 163 -3.82 0.25 11.56
C HIS A 163 -2.83 -0.66 10.87
N ASN A 164 -2.00 -0.10 9.99
CA ASN A 164 -0.89 -0.81 9.37
C ASN A 164 -1.34 -1.88 8.38
N ALA A 165 -2.50 -1.70 7.74
CA ALA A 165 -2.80 -2.54 6.59
C ALA A 165 -1.69 -2.35 5.54
N ASN A 166 -1.35 -3.46 4.87
CA ASN A 166 -0.28 -3.46 3.89
C ASN A 166 -0.68 -2.61 2.68
N ILE A 167 -0.17 -1.39 2.62
CA ILE A 167 -0.40 -0.49 1.51
C ILE A 167 0.19 -1.01 0.21
N ASP A 168 1.12 -1.97 0.29
CA ASP A 168 1.79 -2.52 -0.89
C ASP A 168 1.22 -3.87 -1.30
N ILE A 169 0.04 -4.24 -0.81
CA ILE A 169 -0.53 -5.56 -1.10
C ILE A 169 -0.48 -5.84 -2.58
N GLN A 170 -0.20 -7.09 -2.92
CA GLN A 170 -0.06 -7.57 -4.29
C GLN A 170 0.84 -6.67 -5.13
N ASN A 171 1.96 -6.29 -4.50
CA ASN A 171 3.06 -5.58 -5.14
C ASN A 171 2.58 -4.28 -5.79
N GLY A 172 2.07 -3.39 -4.93
CA GLY A 172 1.68 -2.07 -5.33
C GLY A 172 0.33 -1.95 -6.00
N PHE A 173 -0.65 -2.73 -5.56
CA PHE A 173 -1.94 -2.63 -6.23
C PHE A 173 -2.66 -1.32 -5.91
N LEU A 174 -2.40 -0.71 -4.75
CA LEU A 174 -3.10 0.54 -4.42
C LEU A 174 -2.66 1.66 -5.36
N LEU A 175 -1.35 1.78 -5.60
CA LEU A 175 -0.89 2.73 -6.59
C LEU A 175 -1.42 2.36 -7.97
N ARG A 176 -1.45 1.06 -8.30
CA ARG A 176 -2.04 0.63 -9.56
C ARG A 176 -3.46 1.15 -9.70
N TYR A 177 -4.26 0.98 -8.63
CA TYR A 177 -5.64 1.41 -8.65
C TYR A 177 -5.76 2.90 -8.90
N ALA A 178 -4.99 3.70 -8.13
CA ALA A 178 -5.02 5.15 -8.29
C ALA A 178 -4.72 5.55 -9.74
N VAL A 179 -3.70 4.92 -10.34
CA VAL A 179 -3.31 5.26 -11.71
C VAL A 179 -4.37 4.82 -12.70
N ILE A 180 -4.86 3.58 -12.57
CA ILE A 180 -5.89 3.08 -13.48
C ILE A 180 -7.10 4.00 -13.50
N LYS A 181 -7.51 4.49 -12.33
CA LYS A 181 -8.68 5.34 -12.22
C LYS A 181 -8.36 6.82 -12.35
N SER A 182 -7.07 7.17 -12.42
CA SER A 182 -6.61 8.56 -12.40
C SER A 182 -7.03 9.27 -11.12
N ASN A 183 -7.18 8.50 -10.03
CA ASN A 183 -7.51 9.11 -8.72
C ASN A 183 -6.23 9.73 -8.19
N HIS A 184 -6.05 11.00 -8.46
CA HIS A 184 -4.80 11.65 -8.07
C HIS A 184 -4.73 11.89 -6.57
N SER A 185 -5.87 12.20 -5.96
CA SER A 185 -5.93 12.30 -4.51
C SER A 185 -5.43 11.01 -3.86
N TYR A 186 -5.95 9.87 -4.32
CA TYR A 186 -5.50 8.59 -3.81
C TYR A 186 -4.02 8.39 -4.07
N CYS A 187 -3.58 8.72 -5.29
CA CYS A 187 -2.18 8.55 -5.64
C CYS A 187 -1.28 9.34 -4.71
N ARG A 188 -1.62 10.61 -4.48
CA ARG A 188 -0.81 11.44 -3.60
C ARG A 188 -0.85 10.93 -2.17
N MET A 189 -2.03 10.51 -1.70
CA MET A 189 -2.14 10.06 -0.32
C MET A 189 -1.37 8.78 -0.08
N PHE A 190 -1.42 7.85 -1.04
CA PHE A 190 -0.65 6.62 -0.89
C PHE A 190 0.85 6.87 -0.97
N LEU A 191 1.26 7.88 -1.72
CA LEU A 191 2.67 8.24 -1.81
C LEU A 191 3.17 8.90 -0.53
N GLN A 192 2.40 9.86 0.01
CA GLN A 192 2.80 10.49 1.25
C GLN A 192 2.84 9.51 2.41
N ARG A 193 2.09 8.41 2.32
CA ARG A 193 2.08 7.34 3.33
C ARG A 193 3.14 6.28 3.07
N GLY A 194 3.95 6.42 2.02
CA GLY A 194 5.10 5.58 1.82
C GLY A 194 4.94 4.35 0.95
N ALA A 195 3.92 4.30 0.10
CA ALA A 195 3.77 3.15 -0.79
C ALA A 195 4.99 3.06 -1.71
N ASP A 196 5.55 1.86 -1.81
CA ASP A 196 6.72 1.62 -2.66
C ASP A 196 6.35 1.76 -4.13
N THR A 197 7.09 2.59 -4.85
CA THR A 197 6.77 2.84 -6.25
C THR A 197 7.46 1.86 -7.20
N ASN A 198 8.39 1.05 -6.71
CA ASN A 198 9.14 0.16 -7.59
C ASN A 198 8.79 -1.30 -7.33
N LEU A 199 7.52 -1.63 -7.58
CA LEU A 199 7.03 -3.00 -7.54
C LEU A 199 6.27 -3.24 -8.82
N GLY A 200 6.55 -4.36 -9.48
CA GLY A 200 5.85 -4.76 -10.68
C GLY A 200 4.77 -5.79 -10.36
N ARG A 201 3.65 -5.68 -11.05
CA ARG A 201 2.62 -6.70 -10.92
C ARG A 201 3.14 -8.02 -11.45
N LEU A 202 2.79 -9.10 -10.75
CA LEU A 202 3.39 -10.39 -11.02
C LEU A 202 2.84 -11.06 -12.29
N GLU A 203 1.76 -10.54 -12.87
CA GLU A 203 1.29 -11.06 -14.15
C GLU A 203 2.08 -10.48 -15.33
N ASP A 204 2.19 -9.15 -15.42
CA ASP A 204 2.82 -8.50 -16.57
C ASP A 204 3.98 -7.60 -16.17
N GLY A 205 4.46 -7.67 -14.93
CA GLY A 205 5.61 -6.92 -14.50
C GLY A 205 5.50 -5.41 -14.63
N GLN A 206 4.29 -4.91 -14.91
CA GLN A 206 4.11 -3.48 -15.04
C GLN A 206 4.19 -2.83 -13.67
N THR A 207 4.79 -1.65 -13.64
CA THR A 207 4.90 -0.78 -12.47
C THR A 207 3.85 0.32 -12.56
N PRO A 208 3.62 1.05 -11.46
CA PRO A 208 2.77 2.24 -11.57
C PRO A 208 3.22 3.23 -12.65
N LEU A 209 4.53 3.46 -12.79
CA LEU A 209 4.97 4.40 -13.83
C LEU A 209 4.61 3.86 -15.21
N HIS A 210 4.73 2.54 -15.41
CA HIS A 210 4.31 1.89 -16.66
C HIS A 210 2.85 2.22 -17.01
N LEU A 211 1.94 2.05 -16.03
CA LEU A 211 0.53 2.31 -16.32
C LEU A 211 0.22 3.81 -16.36
N SER A 212 0.99 4.62 -15.64
CA SER A 212 0.84 6.06 -15.76
C SER A 212 1.26 6.56 -17.12
N ALA A 213 1.77 5.67 -17.97
CA ALA A 213 2.07 5.95 -19.37
C ALA A 213 1.06 5.35 -20.32
N LEU A 214 0.57 4.13 -20.03
CA LEU A 214 -0.54 3.56 -20.78
C LEU A 214 -1.75 4.50 -20.76
N ARG A 215 -1.94 5.16 -19.62
CA ARG A 215 -2.93 6.25 -19.58
C ARG A 215 -2.04 7.48 -19.51
N ASP A 216 -1.93 8.28 -20.58
CA ASP A 216 -1.01 9.42 -20.61
C ASP A 216 -1.51 10.44 -19.59
N ASP A 217 -1.23 10.12 -18.33
CA ASP A 217 -1.56 10.90 -17.15
C ASP A 217 -0.24 11.44 -16.63
N VAL A 218 0.06 12.70 -16.98
CA VAL A 218 1.36 13.26 -16.63
C VAL A 218 1.42 13.54 -15.13
N LEU A 219 0.29 13.91 -14.52
CA LEU A 219 0.29 14.18 -13.09
C LEU A 219 0.61 12.91 -12.29
N CYS A 220 0.10 11.76 -12.73
CA CYS A 220 0.47 10.51 -12.09
C CYS A 220 1.93 10.18 -12.33
N ALA A 221 2.35 10.21 -13.61
CA ALA A 221 3.75 9.97 -13.95
C ALA A 221 4.69 10.83 -13.10
N ARG A 222 4.33 12.10 -12.92
CA ARG A 222 5.22 13.02 -12.21
C ARG A 222 5.27 12.70 -10.73
N MET A 223 4.11 12.52 -10.09
CA MET A 223 4.07 12.15 -8.67
C MET A 223 4.91 10.90 -8.40
N LEU A 224 4.78 9.90 -9.28
CA LEU A 224 5.52 8.64 -9.12
C LEU A 224 7.02 8.88 -9.23
N TYR A 225 7.45 9.58 -10.28
CA TYR A 225 8.86 9.88 -10.43
C TYR A 225 9.37 10.72 -9.26
N ASN A 226 8.61 11.74 -8.88
CA ASN A 226 9.05 12.63 -7.80
C ASN A 226 9.23 11.87 -6.49
N TYR A 227 8.46 10.81 -6.28
CA TYR A 227 8.67 9.95 -5.12
C TYR A 227 9.62 8.80 -5.41
N GLY A 228 10.20 8.72 -6.61
CA GLY A 228 11.30 7.81 -6.84
C GLY A 228 11.02 6.58 -7.68
N ALA A 229 10.02 6.65 -8.56
CA ALA A 229 9.80 5.55 -9.47
C ALA A 229 10.95 5.48 -10.48
N ASP A 230 11.40 4.26 -10.79
CA ASP A 230 12.60 4.05 -11.58
C ASP A 230 12.30 4.11 -13.08
N THR A 231 12.95 5.03 -13.81
CA THR A 231 12.62 5.28 -15.20
C THR A 231 13.09 4.21 -16.18
N ASN A 232 13.93 3.26 -15.76
CA ASN A 232 14.40 2.25 -16.69
C ASN A 232 13.99 0.84 -16.32
N THR A 233 13.26 0.64 -15.23
CA THR A 233 12.62 -0.65 -14.99
C THR A 233 11.84 -1.07 -16.23
N ARG A 234 11.85 -2.37 -16.52
CA ARG A 234 11.21 -2.87 -17.73
C ARG A 234 10.21 -3.95 -17.35
N ASN A 235 9.09 -3.97 -18.08
CA ASN A 235 8.02 -4.93 -17.79
C ASN A 235 8.41 -6.30 -18.33
N TYR A 236 7.45 -7.22 -18.35
CA TYR A 236 7.74 -8.57 -18.82
C TYR A 236 7.95 -8.62 -20.33
N GLU A 237 7.53 -7.59 -21.06
CA GLU A 237 7.79 -7.50 -22.50
C GLU A 237 8.91 -6.50 -22.82
N GLY A 238 9.72 -6.14 -21.82
CA GLY A 238 10.96 -5.41 -22.05
C GLY A 238 10.84 -3.91 -22.17
N GLN A 239 9.64 -3.35 -22.16
CA GLN A 239 9.50 -1.90 -22.31
C GLN A 239 9.79 -1.19 -21.00
N THR A 240 10.53 -0.08 -21.09
CA THR A 240 10.58 0.85 -19.98
C THR A 240 9.27 1.64 -19.98
N PRO A 241 8.97 2.37 -18.90
CA PRO A 241 7.77 3.24 -18.93
C PRO A 241 7.71 4.17 -20.14
N LEU A 242 8.84 4.74 -20.57
CA LEU A 242 8.80 5.61 -21.75
C LEU A 242 8.53 4.82 -23.02
N ALA A 243 8.99 3.58 -23.07
CA ALA A 243 8.72 2.74 -24.25
C ALA A 243 7.23 2.52 -24.39
N VAL A 244 6.52 2.47 -23.26
CA VAL A 244 5.06 2.22 -23.27
C VAL A 244 4.39 3.40 -23.99
N SER A 245 4.79 4.61 -23.64
CA SER A 245 4.18 5.80 -24.26
C SER A 245 4.57 5.87 -25.74
N ILE A 246 5.58 5.10 -26.14
CA ILE A 246 6.05 5.08 -27.56
C ILE A 246 5.28 4.01 -28.32
N SER A 247 4.56 3.13 -27.63
CA SER A 247 3.67 2.20 -28.37
C SER A 247 2.44 2.98 -28.82
N ILE A 248 2.35 4.25 -28.42
CA ILE A 248 1.27 5.15 -28.91
C ILE A 248 2.00 6.25 -29.66
N SER A 249 3.24 6.56 -29.28
CA SER A 249 4.10 7.54 -30.01
C SER A 249 3.36 8.82 -30.40
N GLY A 250 3.78 9.45 -31.50
CA GLY A 250 3.07 10.64 -31.99
C GLY A 250 3.40 11.87 -31.18
N SER A 251 4.30 11.75 -30.21
CA SER A 251 4.78 12.91 -29.41
C SER A 251 3.67 13.90 -29.07
N SER A 252 4.02 15.19 -28.99
CA SER A 252 3.00 16.24 -28.78
C SER A 252 2.13 16.01 -27.54
N ARG A 253 2.69 15.51 -26.44
CA ARG A 253 1.90 15.37 -25.22
C ARG A 253 2.77 15.42 -23.97
N PRO A 254 2.35 16.20 -22.95
CA PRO A 254 3.22 16.48 -21.79
C PRO A 254 3.71 15.26 -21.05
N CYS A 255 3.03 14.11 -21.20
CA CYS A 255 3.41 12.90 -20.47
C CYS A 255 4.71 12.30 -21.02
N LEU A 256 4.79 12.09 -22.34
CA LEU A 256 6.05 11.61 -22.89
C LEU A 256 7.11 12.70 -22.88
N ASP A 257 6.71 13.97 -22.99
CA ASP A 257 7.67 15.06 -22.86
C ASP A 257 8.34 15.03 -21.49
N PHE A 258 7.54 14.80 -20.44
CA PHE A 258 8.10 14.66 -19.09
C PHE A 258 8.91 13.38 -18.96
N LEU A 259 8.40 12.26 -19.49
CA LEU A 259 9.10 11.00 -19.37
C LEU A 259 10.43 11.03 -20.11
N GLN A 260 10.45 11.66 -21.29
CA GLN A 260 11.71 11.85 -22.01
C GLN A 260 12.73 12.61 -21.16
N GLU A 261 12.32 13.73 -20.59
CA GLU A 261 13.24 14.54 -19.80
C GLU A 261 13.77 13.83 -18.56
N VAL A 262 13.09 12.79 -18.04
CA VAL A 262 13.58 12.10 -16.86
C VAL A 262 14.24 10.75 -17.15
N THR A 263 13.97 10.13 -18.30
CA THR A 263 14.57 8.85 -18.66
C THR A 263 15.97 8.99 -19.27
N ARG A 264 16.41 10.21 -19.57
CA ARG A 264 17.74 10.45 -20.13
C ARG A 264 18.67 11.12 -19.14
N GLN A 265 18.27 12.25 -18.56
CA GLN A 265 19.09 12.93 -17.55
C GLN A 265 18.97 12.20 -16.22
N PRO A 266 20.05 11.64 -15.69
CA PRO A 266 19.97 11.02 -14.36
C PRO A 266 19.68 12.09 -13.30
N ARG A 267 18.88 11.72 -12.30
CA ARG A 267 18.35 12.71 -11.38
C ARG A 267 19.44 13.19 -10.40
N ASN A 268 19.06 14.17 -9.56
CA ASN A 268 20.01 14.83 -8.67
C ASN A 268 20.65 13.82 -7.73
N LEU A 269 21.86 14.17 -7.25
CA LEU A 269 22.46 13.42 -6.15
C LEU A 269 21.78 13.70 -4.82
N GLN A 270 21.07 14.83 -4.71
CA GLN A 270 20.32 15.12 -3.49
C GLN A 270 19.12 14.17 -3.37
N ASP A 271 18.43 13.89 -4.48
CA ASP A 271 17.33 12.95 -4.44
C ASP A 271 17.80 11.49 -4.44
N LEU A 272 18.92 11.21 -5.11
CA LEU A 272 19.48 9.85 -5.06
C LEU A 272 19.89 9.47 -3.65
N CYS A 273 20.25 10.44 -2.82
CA CYS A 273 20.57 10.18 -1.42
C CYS A 273 19.30 10.10 -0.58
N ARG A 274 18.29 10.90 -0.93
CA ARG A 274 16.97 10.73 -0.33
C ARG A 274 16.47 9.31 -0.52
N ILE A 275 16.58 8.77 -1.74
CA ILE A 275 16.08 7.43 -2.02
C ILE A 275 16.78 6.39 -1.15
N LYS A 276 18.11 6.42 -1.11
CA LYS A 276 18.84 5.39 -0.37
C LYS A 276 18.60 5.50 1.14
N ILE A 277 18.53 6.73 1.66
CA ILE A 277 18.27 6.92 3.08
C ILE A 277 16.88 6.40 3.44
N ARG A 278 15.88 6.75 2.64
CA ARG A 278 14.52 6.27 2.87
C ARG A 278 14.44 4.75 2.66
N GLN A 279 15.19 4.21 1.70
CA GLN A 279 15.23 2.75 1.58
C GLN A 279 15.91 2.14 2.79
N CYS A 280 17.02 2.72 3.24
CA CYS A 280 17.74 2.19 4.39
C CYS A 280 16.88 2.23 5.64
N ILE A 281 16.19 3.35 5.85
CA ILE A 281 15.34 3.51 7.03
C ILE A 281 14.02 2.74 6.88
N GLY A 282 13.55 2.52 5.66
CA GLY A 282 12.37 1.72 5.42
C GLY A 282 11.11 2.53 5.16
N LEU A 283 10.52 2.39 3.98
CA LEU A 283 9.46 3.30 3.56
C LEU A 283 8.22 3.26 4.47
N GLN A 284 8.01 2.19 5.23
CA GLN A 284 6.91 2.17 6.19
C GLN A 284 7.37 2.47 7.61
N ASN A 285 8.60 2.96 7.77
CA ASN A 285 9.16 3.30 9.09
C ASN A 285 9.71 4.70 8.98
N LEU A 286 9.03 5.58 8.24
CA LEU A 286 9.59 6.93 7.93
C LEU A 286 9.30 7.98 9.00
N LYS A 287 8.91 7.58 10.20
CA LYS A 287 8.76 8.57 11.28
C LYS A 287 10.08 8.51 12.03
N LEU A 288 10.88 7.49 11.72
CA LEU A 288 12.21 7.32 12.34
C LEU A 288 13.11 8.43 11.79
N LEU A 289 12.61 9.19 10.81
CA LEU A 289 13.39 10.29 10.20
C LEU A 289 13.27 11.50 11.12
N ASP A 290 12.18 11.63 11.85
CA ASP A 290 12.09 12.74 12.83
C ASP A 290 13.19 12.52 13.87
N GLU A 291 13.53 11.26 14.14
CA GLU A 291 14.65 10.94 15.06
C GLU A 291 15.92 10.78 14.22
N LEU A 292 16.43 11.87 13.65
CA LEU A 292 17.65 11.87 12.87
C LEU A 292 18.41 13.17 13.15
N PRO A 293 19.72 13.18 12.96
CA PRO A 293 20.50 14.42 13.18
C PRO A 293 20.68 15.26 11.93
N ILE A 294 19.62 15.99 11.57
CA ILE A 294 19.62 16.86 10.39
C ILE A 294 18.84 18.13 10.73
N ALA A 295 18.76 19.03 9.76
CA ALA A 295 18.00 20.26 9.90
C ALA A 295 16.59 20.05 9.36
N LYS A 296 15.66 20.88 9.86
CA LYS A 296 14.27 20.80 9.42
C LYS A 296 14.20 20.79 7.90
N VAL A 297 14.82 21.79 7.25
CA VAL A 297 14.82 21.89 5.80
C VAL A 297 15.27 20.57 5.17
N MET A 298 16.34 19.98 5.71
CA MET A 298 16.83 18.70 5.19
C MET A 298 15.78 17.61 5.35
N LYS A 299 15.16 17.51 6.53
CA LYS A 299 14.15 16.49 6.75
C LYS A 299 12.87 16.79 5.99
N ASP A 300 12.49 18.07 5.89
CA ASP A 300 11.37 18.45 5.02
C ASP A 300 11.55 17.89 3.62
N TYR A 301 12.75 18.06 3.06
CA TYR A 301 13.07 17.48 1.76
C TYR A 301 12.97 15.97 1.79
N LEU A 302 13.36 15.36 2.93
CA LEU A 302 13.34 13.90 3.05
C LEU A 302 11.91 13.35 3.01
N LYS A 303 10.94 14.07 3.55
CA LYS A 303 9.58 13.58 3.64
C LYS A 303 8.73 13.98 2.43
N HIS A 304 9.34 14.66 1.45
CA HIS A 304 8.61 15.23 0.30
C HIS A 304 7.49 16.16 0.77
N LYS A 305 7.69 16.86 1.89
CA LYS A 305 6.63 17.70 2.46
C LYS A 305 6.25 18.81 1.49
N PHE A 306 7.22 19.64 1.10
CA PHE A 306 6.96 20.79 0.23
C PHE A 306 7.16 20.35 -1.22
N ASP A 307 6.15 19.67 -1.75
CA ASP A 307 6.21 19.19 -3.11
C ASP A 307 5.09 19.80 -3.94
N ARG B 1 -8.00 -2.37 -16.58
CA ARG B 1 -7.19 -3.58 -16.46
C ARG B 1 -8.01 -4.77 -15.96
N GLN B 2 -7.77 -5.94 -16.57
CA GLN B 2 -8.44 -7.17 -16.13
C GLN B 2 -8.15 -7.49 -14.67
N GLU B 3 -7.13 -6.86 -14.09
CA GLU B 3 -6.94 -6.98 -12.66
C GLU B 3 -8.19 -6.51 -11.92
N LEU B 4 -8.71 -5.33 -12.28
CA LEU B 4 -9.91 -4.82 -11.59
C LEU B 4 -11.11 -5.71 -11.86
N GLU B 5 -11.25 -6.23 -13.07
CA GLU B 5 -12.48 -6.92 -13.41
C GLU B 5 -12.74 -8.09 -12.47
N SER B 6 -11.72 -8.87 -12.14
CA SER B 6 -11.95 -10.04 -11.28
C SER B 6 -12.26 -9.60 -9.85
N LEU B 7 -11.49 -8.65 -9.32
CA LEU B 7 -11.82 -8.00 -8.06
C LEU B 7 -13.27 -7.54 -8.02
N MET B 8 -13.73 -6.88 -9.09
CA MET B 8 -15.14 -6.49 -9.11
C MET B 8 -16.05 -7.70 -9.21
N LYS B 9 -15.61 -8.77 -9.87
CA LYS B 9 -16.40 -9.99 -9.85
C LYS B 9 -16.54 -10.50 -8.44
N GLU B 10 -15.45 -10.43 -7.66
CA GLU B 10 -15.46 -10.94 -6.30
C GLU B 10 -16.39 -10.13 -5.43
N GLN B 11 -16.31 -8.80 -5.52
CA GLN B 11 -17.25 -7.96 -4.77
C GLN B 11 -18.67 -8.13 -5.28
N ASP B 12 -18.88 -8.44 -6.57
CA ASP B 12 -20.23 -8.81 -6.98
C ASP B 12 -20.72 -10.01 -6.18
N LEU B 13 -19.86 -11.02 -6.03
CA LEU B 13 -20.27 -12.26 -5.41
C LEU B 13 -20.56 -12.06 -3.93
N LEU B 14 -19.71 -11.26 -3.27
CA LEU B 14 -19.94 -10.90 -1.88
C LEU B 14 -21.34 -10.33 -1.68
N GLU B 15 -21.73 -9.37 -2.54
CA GLU B 15 -23.02 -8.72 -2.41
C GLU B 15 -24.16 -9.68 -2.70
N THR B 16 -24.02 -10.47 -3.77
CA THR B 16 -25.03 -11.45 -4.10
C THR B 16 -25.35 -12.37 -2.93
N LYS B 17 -24.31 -12.83 -2.23
CA LYS B 17 -24.46 -13.94 -1.29
C LYS B 17 -24.95 -13.45 0.05
N LEU B 18 -24.37 -12.36 0.56
CA LEU B 18 -24.96 -11.65 1.72
C LEU B 18 -26.44 -11.37 1.51
N ARG B 19 -26.84 -10.98 0.31
CA ARG B 19 -28.25 -10.59 0.11
C ARG B 19 -29.09 -11.79 -0.29
N SER B 20 -28.51 -12.98 -0.36
CA SER B 20 -29.28 -14.06 -0.94
C SER B 20 -30.46 -14.48 -0.08
N TYR B 21 -30.38 -14.29 1.24
CA TYR B 21 -31.42 -14.85 2.10
C TYR B 21 -32.81 -14.37 1.71
N GLU B 22 -32.94 -13.16 1.14
CA GLU B 22 -34.24 -12.70 0.66
C GLU B 22 -34.38 -12.84 -0.85
N ARG B 23 -33.59 -13.70 -1.47
CA ARG B 23 -33.68 -13.93 -2.91
C ARG B 23 -34.07 -15.38 -3.18
N MET C 1 34.71 0.13 -26.41
CA MET C 1 35.49 1.16 -27.08
C MET C 1 35.69 2.38 -26.19
N ASP C 2 35.15 2.32 -24.98
CA ASP C 2 35.24 3.45 -24.05
C ASP C 2 35.61 2.99 -22.64
N HIS C 10 49.21 10.56 -4.64
CA HIS C 10 49.63 10.76 -3.25
C HIS C 10 48.44 11.20 -2.41
N LYS C 11 48.54 12.40 -1.82
CA LYS C 11 47.39 13.04 -1.19
C LYS C 11 46.53 13.78 -2.20
N THR C 12 46.65 13.39 -3.47
CA THR C 12 45.94 14.02 -4.58
C THR C 12 45.52 12.95 -5.57
N THR C 13 44.37 13.17 -6.20
CA THR C 13 43.86 12.23 -7.19
C THR C 13 43.30 12.96 -8.41
N PHE C 15 39.65 11.83 -12.98
CA PHE C 15 40.01 10.77 -13.92
C PHE C 15 39.66 11.20 -15.35
N THR C 16 39.75 10.26 -16.29
CA THR C 16 39.52 10.57 -17.70
C THR C 16 39.17 9.28 -18.44
N ASP C 17 38.98 9.40 -19.75
CA ASP C 17 38.69 8.28 -20.63
C ASP C 17 39.98 7.71 -21.24
N ALA C 18 39.85 6.55 -21.87
CA ALA C 18 40.90 5.90 -22.63
C ALA C 18 40.29 4.65 -23.26
N ARG C 29 48.76 5.00 -22.33
CA ARG C 29 49.40 6.32 -22.55
C ARG C 29 49.45 7.04 -21.20
N ILE C 30 50.60 7.02 -20.53
CA ILE C 30 50.75 7.76 -19.24
C ILE C 30 51.16 9.20 -19.53
N VAL C 31 50.92 9.67 -20.77
CA VAL C 31 51.18 11.10 -21.09
C VAL C 31 50.30 11.90 -20.13
N GLU C 32 50.92 12.59 -19.17
CA GLU C 32 50.06 13.26 -18.17
C GLU C 32 50.51 14.70 -17.95
N GLY C 33 49.97 15.64 -18.73
CA GLY C 33 50.27 17.06 -18.48
C GLY C 33 49.42 17.58 -17.33
N ILE C 34 49.73 17.17 -16.10
CA ILE C 34 48.98 17.64 -14.89
C ILE C 34 48.70 19.15 -15.03
N ASP C 40 48.28 -1.21 -10.77
CA ASP C 40 47.81 -1.63 -9.46
C ASP C 40 48.94 -1.67 -8.45
N GLY C 58 43.72 -0.96 -21.50
CA GLY C 58 43.22 -2.32 -21.50
C GLY C 58 44.32 -3.35 -21.32
N GLU C 59 44.78 -3.51 -20.08
CA GLU C 59 45.87 -4.42 -19.77
C GLU C 59 45.40 -5.54 -18.84
N GLN C 65 34.89 -2.11 -17.69
CA GLN C 65 33.99 -2.72 -16.72
C GLN C 65 34.23 -2.14 -15.33
N THR C 66 35.30 -1.35 -15.22
CA THR C 66 35.71 -0.81 -13.89
C THR C 66 36.20 0.62 -14.09
N ARG C 68 34.35 2.04 -15.28
CA ARG C 68 32.96 2.58 -15.25
C ARG C 68 33.03 3.98 -14.66
N PRO C 69 32.33 4.98 -15.20
CA PRO C 69 32.44 6.35 -14.72
C PRO C 69 32.07 6.43 -13.25
N GLN C 70 31.02 5.70 -12.86
CA GLN C 70 30.56 5.72 -11.45
C GLN C 70 31.68 5.21 -10.55
N ALA C 71 32.49 4.24 -11.01
CA ALA C 71 33.66 3.77 -10.23
C ALA C 71 34.76 4.83 -10.23
N SER C 95 36.90 8.61 7.31
CA SER C 95 35.85 7.80 7.92
C SER C 95 34.46 8.35 7.63
N PRO C 96 33.55 7.52 7.12
CA PRO C 96 32.13 7.74 7.36
C PRO C 96 31.76 7.21 8.73
N PRO C 97 31.13 8.03 9.57
CA PRO C 97 30.87 7.60 10.95
C PRO C 97 29.89 6.45 11.04
N GLU C 98 29.65 5.95 12.25
CA GLU C 98 28.65 4.90 12.45
C GLU C 98 27.28 5.41 12.04
N LEU C 99 26.63 4.70 11.12
CA LEU C 99 25.31 5.11 10.66
C LEU C 99 24.36 5.16 11.84
N PRO C 100 23.56 6.22 11.98
CA PRO C 100 22.61 6.28 13.10
C PRO C 100 21.74 5.04 13.21
N ASP C 101 21.15 4.81 14.38
CA ASP C 101 20.45 3.55 14.63
C ASP C 101 19.18 3.41 13.80
N VAL C 102 18.68 4.50 13.24
CA VAL C 102 17.50 4.40 12.38
C VAL C 102 17.80 3.73 11.04
N MET C 103 19.03 3.79 10.58
CA MET C 103 19.41 3.23 9.28
C MET C 103 20.14 1.90 9.41
N LYS C 104 20.21 1.33 10.61
CA LYS C 104 20.95 0.09 10.87
C LYS C 104 20.58 -1.07 9.94
N TYR D 2 40.72 20.96 -17.09
CA TYR D 2 40.60 20.71 -15.66
C TYR D 2 40.65 22.02 -14.88
N HIS D 11 42.42 15.01 1.39
CA HIS D 11 43.10 14.81 0.11
C HIS D 11 42.76 15.94 -0.84
N GLU D 12 42.97 15.72 -2.14
CA GLU D 12 42.57 16.71 -3.13
C GLU D 12 42.38 16.04 -4.48
N PHE D 13 41.65 16.73 -5.36
CA PHE D 13 41.33 16.18 -6.69
C PHE D 13 40.75 17.31 -7.55
N ILE D 14 40.82 17.18 -8.86
CA ILE D 14 40.17 18.20 -9.73
C ILE D 14 39.85 17.51 -11.05
N VAL D 15 38.96 18.09 -11.84
CA VAL D 15 38.53 17.39 -13.09
C VAL D 15 38.08 18.42 -14.12
N LYS D 16 37.77 17.94 -15.32
CA LYS D 16 37.33 18.84 -16.41
C LYS D 16 36.29 19.81 -15.85
N ARG D 17 36.43 21.09 -16.13
CA ARG D 17 35.50 22.07 -15.55
C ARG D 17 34.13 21.84 -16.20
N GLU D 18 34.08 21.11 -17.32
CA GLU D 18 32.78 20.75 -17.90
C GLU D 18 32.17 19.56 -17.18
N HIS D 19 32.99 18.72 -16.55
CA HIS D 19 32.49 17.73 -15.61
C HIS D 19 31.97 18.41 -14.35
N ALA D 20 32.76 19.34 -13.80
CA ALA D 20 32.35 20.10 -12.62
C ALA D 20 31.35 21.20 -12.94
N LEU D 21 31.00 21.40 -14.21
CA LEU D 21 29.88 22.27 -14.56
C LEU D 21 28.58 21.77 -13.94
N THR D 22 28.61 20.57 -13.36
CA THR D 22 27.41 20.04 -12.69
C THR D 22 27.37 20.47 -11.24
N SER D 23 27.31 21.78 -10.99
CA SER D 23 27.23 22.31 -9.60
C SER D 23 26.92 23.80 -9.66
N ASN D 45 38.78 24.44 -4.14
CA ASN D 45 38.18 24.36 -2.82
C ASN D 45 37.87 25.74 -2.26
N ILE D 49 33.25 19.77 4.26
CA ILE D 49 32.96 18.61 3.34
C ILE D 49 34.14 17.66 3.39
N PRO D 50 34.08 16.56 4.16
CA PRO D 50 35.22 15.66 4.31
C PRO D 50 35.60 14.86 3.05
N SER D 51 36.65 14.06 3.17
CA SER D 51 37.16 13.32 1.98
C SER D 51 36.09 12.40 1.43
N HIS D 52 35.67 11.40 2.19
CA HIS D 52 34.67 10.39 1.73
C HIS D 52 33.57 11.06 0.90
N VAL D 53 33.04 12.19 1.35
CA VAL D 53 31.95 12.90 0.61
C VAL D 53 32.50 13.40 -0.71
N LEU D 54 33.45 14.34 -0.67
CA LEU D 54 33.97 14.97 -1.91
C LEU D 54 34.51 13.90 -2.86
N SER D 55 35.06 12.82 -2.32
CA SER D 55 35.52 11.71 -3.17
C SER D 55 34.43 11.34 -4.19
N LYS D 56 33.21 11.07 -3.71
CA LYS D 56 32.13 10.62 -4.63
C LYS D 56 31.38 11.82 -5.24
N VAL D 57 31.32 12.95 -4.54
CA VAL D 57 30.69 14.14 -5.17
C VAL D 57 31.34 14.29 -6.54
N CYS D 58 32.61 13.91 -6.65
CA CYS D 58 33.33 14.00 -7.93
C CYS D 58 32.86 12.89 -8.86
N MET D 59 32.80 11.66 -8.36
CA MET D 59 32.42 10.51 -9.21
C MET D 59 31.05 10.79 -9.83
N TYR D 60 30.20 11.53 -9.12
CA TYR D 60 28.85 11.88 -9.63
C TYR D 60 29.01 12.74 -10.87
N PHE D 61 29.75 13.84 -10.77
CA PHE D 61 29.90 14.80 -11.90
C PHE D 61 30.22 14.04 -13.18
N THR D 62 31.14 13.09 -13.09
CA THR D 62 31.53 12.30 -14.28
C THR D 62 30.35 11.48 -14.75
N TYR D 63 29.81 10.64 -13.85
CA TYR D 63 28.68 9.73 -14.21
C TYR D 63 27.51 10.52 -14.78
N LYS D 64 27.24 11.70 -14.23
CA LYS D 64 26.13 12.54 -14.74
C LYS D 64 26.36 12.79 -16.22
N VAL D 65 27.37 13.59 -16.56
CA VAL D 65 27.59 13.98 -17.99
C VAL D 65 27.65 12.74 -18.88
N ARG D 66 28.42 11.73 -18.49
CA ARG D 66 28.58 10.55 -19.38
C ARG D 66 27.23 9.98 -19.76
N TYR D 67 26.33 9.84 -18.78
CA TYR D 67 25.02 9.19 -19.07
C TYR D 67 23.95 10.24 -19.36
N THR D 68 24.26 11.52 -19.17
CA THR D 68 23.28 12.60 -19.50
C THR D 68 23.03 12.57 -21.00
N ASN D 69 21.76 12.64 -21.41
CA ASN D 69 21.39 12.72 -22.84
C ASN D 69 22.03 11.59 -23.64
N SER D 70 22.07 10.38 -23.08
CA SER D 70 22.76 9.28 -23.80
C SER D 70 21.74 8.27 -24.33
N SER D 71 22.20 7.22 -25.01
CA SER D 71 21.27 6.30 -25.64
C SER D 71 21.30 4.89 -25.03
N THR D 72 21.66 4.76 -23.76
CA THR D 72 21.65 3.47 -23.09
C THR D 72 21.02 3.61 -21.72
N GLU D 73 20.66 2.47 -21.13
CA GLU D 73 20.11 2.49 -19.78
C GLU D 73 21.12 3.07 -18.80
N ILE D 74 20.64 3.92 -17.91
CA ILE D 74 21.48 4.64 -16.96
C ILE D 74 21.75 3.72 -15.77
N PRO D 75 22.98 3.24 -15.59
CA PRO D 75 23.26 2.36 -14.45
C PRO D 75 23.06 3.08 -13.13
N GLU D 76 22.98 2.28 -12.07
CA GLU D 76 22.77 2.83 -10.74
C GLU D 76 24.03 3.53 -10.26
N PHE D 77 23.85 4.71 -9.66
CA PHE D 77 24.94 5.40 -8.98
C PHE D 77 24.97 4.90 -7.54
N PRO D 78 25.91 4.03 -7.18
CA PRO D 78 25.88 3.42 -5.86
C PRO D 78 26.20 4.43 -4.77
N ILE D 79 25.37 4.43 -3.72
CA ILE D 79 25.54 5.29 -2.55
C ILE D 79 25.53 4.38 -1.33
N ALA D 80 26.70 4.18 -0.72
CA ALA D 80 26.76 3.40 0.50
C ALA D 80 25.93 4.09 1.58
N PRO D 81 25.23 3.33 2.43
CA PRO D 81 24.41 3.98 3.45
C PRO D 81 25.18 4.85 4.43
N GLU D 82 26.42 4.48 4.78
CA GLU D 82 27.13 5.17 5.85
C GLU D 82 27.57 6.58 5.44
N ILE D 83 27.88 6.78 4.15
CA ILE D 83 28.23 8.10 3.64
C ILE D 83 27.02 8.85 3.10
N ALA D 84 25.83 8.23 3.10
CA ALA D 84 24.71 8.75 2.34
C ALA D 84 24.14 10.03 2.94
N LEU D 85 24.01 10.09 4.27
CA LEU D 85 23.45 11.28 4.89
C LEU D 85 24.36 12.50 4.66
N GLU D 86 25.68 12.29 4.63
CA GLU D 86 26.59 13.39 4.40
C GLU D 86 26.63 13.79 2.93
N LEU D 87 26.62 12.80 2.03
CA LEU D 87 26.60 13.10 0.60
C LEU D 87 25.35 13.90 0.23
N LEU D 88 24.25 13.68 0.94
CA LEU D 88 23.05 14.49 0.72
C LEU D 88 23.29 15.93 1.13
N MET D 89 23.77 16.15 2.36
CA MET D 89 24.05 17.51 2.82
C MET D 89 25.03 18.22 1.89
N ALA D 90 25.93 17.46 1.25
CA ALA D 90 26.86 18.07 0.32
C ALA D 90 26.18 18.47 -0.99
N ALA D 91 25.33 17.56 -1.44
CA ALA D 91 24.63 17.79 -2.72
C ALA D 91 23.71 19.00 -2.57
N ASN D 92 24.22 20.17 -2.90
CA ASN D 92 23.35 21.36 -2.99
C ASN D 92 23.07 21.30 -4.48
N PHE D 93 23.79 20.41 -5.17
CA PHE D 93 23.60 20.18 -6.62
C PHE D 93 23.50 21.52 -7.35
#